data_7K1P
#
_entry.id   7K1P
#
_cell.length_a   95.186
_cell.length_b   95.186
_cell.length_c   94.957
_cell.angle_alpha   90.000
_cell.angle_beta   90.000
_cell.angle_gamma   120.000
#
_symmetry.space_group_name_H-M   'P 31 2 1'
#
loop_
_entity.id
_entity.type
_entity.pdbx_description
1 polymer 'Transcription initiation factor TFIID subunit 1'
2 non-polymer Bromosporine
3 non-polymer 1,2-ETHANEDIOL
4 water water
#
_entity_poly.entity_id   1
_entity_poly.type   'polypeptide(L)'
_entity_poly.pdbx_seq_one_letter_code
;SMDDDQVAFSFILDNIVTQKMMAVPDSWPFHHPVNKKFVPDYYKVIVNPMDLETIRKNISKHKYQSRESFLDDVNLILAN
SVKYNGPESQYTKTAQEIVNVCYQTLTEYDEHLTQLEKDICTAKEAALEEAELESLD
;
_entity_poly.pdbx_strand_id   A
#
# COMPACT_ATOMS: atom_id res chain seq x y z
N SER A 1 -13.17 -14.04 -13.88
CA SER A 1 -14.55 -14.52 -13.97
C SER A 1 -14.90 -15.52 -12.87
N MET A 2 -13.98 -16.43 -12.56
CA MET A 2 -14.17 -17.34 -11.43
C MET A 2 -12.83 -17.91 -10.99
N ASP A 3 -12.68 -18.08 -9.67
CA ASP A 3 -11.48 -18.64 -9.02
C ASP A 3 -10.22 -17.83 -9.31
N ASP A 4 -10.36 -16.64 -9.89
CA ASP A 4 -9.27 -15.71 -10.14
C ASP A 4 -9.33 -14.51 -9.19
N ASP A 5 -10.01 -14.66 -8.05
CA ASP A 5 -10.36 -13.50 -7.23
C ASP A 5 -9.13 -12.83 -6.64
N GLN A 6 -8.20 -13.62 -6.08
CA GLN A 6 -6.99 -13.03 -5.53
C GLN A 6 -6.17 -12.37 -6.64
N VAL A 7 -6.08 -13.01 -7.80
CA VAL A 7 -5.32 -12.43 -8.92
C VAL A 7 -5.91 -11.08 -9.31
N ALA A 8 -7.24 -10.98 -9.34
CA ALA A 8 -7.87 -9.73 -9.72
C ALA A 8 -7.68 -8.66 -8.65
N PHE A 9 -7.86 -9.05 -7.38
CA PHE A 9 -7.71 -8.10 -6.28
C PHE A 9 -6.32 -7.47 -6.28
N SER A 10 -5.28 -8.31 -6.36
CA SER A 10 -3.92 -7.80 -6.43
C SER A 10 -3.70 -6.91 -7.64
N PHE A 11 -4.28 -7.28 -8.78
CA PHE A 11 -4.12 -6.47 -9.98
C PHE A 11 -4.68 -5.06 -9.78
N ILE A 12 -5.81 -4.96 -9.08
CA ILE A 12 -6.38 -3.64 -8.81
C ILE A 12 -5.51 -2.86 -7.83
N LEU A 13 -4.97 -3.54 -6.81
CA LEU A 13 -4.10 -2.86 -5.86
C LEU A 13 -2.87 -2.30 -6.55
N ASP A 14 -2.25 -3.07 -7.45
CA ASP A 14 -1.09 -2.57 -8.16
C ASP A 14 -1.43 -1.33 -8.98
N ASN A 15 -2.60 -1.34 -9.65
CA ASN A 15 -2.99 -0.19 -10.44
C ASN A 15 -3.26 1.03 -9.57
N ILE A 16 -3.86 0.83 -8.40
CA ILE A 16 -4.02 1.95 -7.47
C ILE A 16 -2.66 2.55 -7.14
N VAL A 17 -1.67 1.69 -6.90
CA VAL A 17 -0.33 2.16 -6.54
C VAL A 17 0.31 2.90 -7.71
N THR A 18 0.33 2.27 -8.89
CA THR A 18 1.08 2.83 -10.01
C THR A 18 0.35 3.99 -10.69
N GLN A 19 -0.97 3.98 -10.72
CA GLN A 19 -1.74 4.97 -11.46
C GLN A 19 -2.24 6.12 -10.61
N LYS A 20 -2.55 5.88 -9.34
CA LYS A 20 -3.07 6.93 -8.46
C LYS A 20 -2.00 7.41 -7.48
N MET A 21 -1.44 6.51 -6.68
CA MET A 21 -0.55 6.91 -5.60
C MET A 21 0.78 7.42 -6.15
N MET A 22 1.38 6.70 -7.08
CA MET A 22 2.66 7.15 -7.64
C MET A 22 2.50 8.38 -8.54
N ALA A 23 1.27 8.77 -8.86
CA ALA A 23 1.01 9.96 -9.65
C ALA A 23 0.92 11.23 -8.82
N VAL A 24 0.96 11.12 -7.49
CA VAL A 24 0.92 12.32 -6.65
C VAL A 24 2.12 13.20 -6.98
N PRO A 25 1.93 14.51 -7.17
CA PRO A 25 3.08 15.40 -7.42
C PRO A 25 4.18 15.23 -6.39
N ASP A 26 5.42 15.14 -6.87
CA ASP A 26 6.62 15.07 -6.03
C ASP A 26 6.61 13.85 -5.12
N SER A 27 5.90 12.79 -5.50
CA SER A 27 5.85 11.60 -4.65
C SER A 27 7.04 10.68 -4.84
N TRP A 28 7.94 10.98 -5.78
CA TRP A 28 9.01 10.04 -6.12
C TRP A 28 9.90 9.60 -4.96
N PRO A 29 10.14 10.39 -3.90
CA PRO A 29 10.93 9.84 -2.79
C PRO A 29 10.28 8.64 -2.11
N PHE A 30 8.99 8.43 -2.32
CA PHE A 30 8.28 7.32 -1.72
C PHE A 30 8.14 6.13 -2.65
N HIS A 31 8.64 6.22 -3.88
CA HIS A 31 8.49 5.13 -4.84
C HIS A 31 9.43 3.96 -4.57
N HIS A 32 10.48 4.16 -3.80
CA HIS A 32 11.48 3.13 -3.58
C HIS A 32 11.99 3.24 -2.14
N PRO A 33 12.62 2.18 -1.63
CA PRO A 33 13.17 2.24 -0.27
C PRO A 33 14.08 3.45 -0.13
N VAL A 34 14.07 4.07 1.05
CA VAL A 34 14.97 5.17 1.32
C VAL A 34 16.40 4.72 1.05
N ASN A 35 17.14 5.53 0.30
CA ASN A 35 18.54 5.23 0.02
C ASN A 35 19.39 5.72 1.18
N LYS A 36 20.04 4.78 1.88
CA LYS A 36 20.88 5.15 3.01
C LYS A 36 21.99 6.11 2.60
N LYS A 37 22.39 6.11 1.33
CA LYS A 37 23.44 7.01 0.89
C LYS A 37 23.05 8.47 1.10
N PHE A 38 21.76 8.79 0.96
CA PHE A 38 21.27 10.15 1.12
C PHE A 38 20.73 10.46 2.50
N VAL A 39 20.28 9.44 3.23
CA VAL A 39 19.69 9.63 4.55
C VAL A 39 20.41 8.68 5.50
N PRO A 40 21.61 9.04 5.97
CA PRO A 40 22.49 8.05 6.62
C PRO A 40 21.91 7.42 7.88
N ASP A 41 20.97 8.09 8.56
CA ASP A 41 20.43 7.58 9.82
C ASP A 41 19.00 7.09 9.71
N TYR A 42 18.48 6.91 8.48
CA TYR A 42 17.07 6.54 8.34
C TYR A 42 16.76 5.23 9.02
N TYR A 43 17.59 4.22 8.76
CA TYR A 43 17.30 2.87 9.26
C TYR A 43 17.67 2.69 10.72
N LYS A 44 18.27 3.70 11.35
CA LYS A 44 18.46 3.72 12.79
C LYS A 44 17.31 4.42 13.51
N VAL A 45 16.48 5.17 12.78
CA VAL A 45 15.33 5.86 13.37
C VAL A 45 14.03 5.12 13.08
N ILE A 46 13.91 4.56 11.89
CA ILE A 46 12.66 3.95 11.42
C ILE A 46 12.84 2.44 11.48
N VAL A 47 12.13 1.80 12.41
CA VAL A 47 12.34 0.37 12.64
C VAL A 47 11.64 -0.51 11.60
N ASN A 48 10.56 -0.03 10.97
CA ASN A 48 9.87 -0.77 9.92
C ASN A 48 9.71 0.13 8.70
N PRO A 49 10.77 0.28 7.90
CA PRO A 49 10.66 1.09 6.68
C PRO A 49 9.64 0.50 5.72
N MET A 50 9.05 1.37 4.91
CA MET A 50 8.03 0.96 3.96
C MET A 50 7.98 1.98 2.83
N ASP A 51 7.65 1.49 1.63
CA ASP A 51 7.66 2.29 0.43
C ASP A 51 6.77 1.61 -0.61
N LEU A 52 6.52 2.32 -1.71
CA LEU A 52 5.54 1.86 -2.68
C LEU A 52 6.06 0.64 -3.46
N GLU A 53 7.34 0.63 -3.81
CA GLU A 53 7.89 -0.54 -4.51
C GLU A 53 7.78 -1.79 -3.64
N THR A 54 8.08 -1.66 -2.35
CA THR A 54 7.92 -2.79 -1.44
C THR A 54 6.47 -3.26 -1.42
N ILE A 55 5.53 -2.32 -1.46
CA ILE A 55 4.12 -2.69 -1.46
C ILE A 55 3.77 -3.43 -2.75
N ARG A 56 4.28 -2.96 -3.88
CA ARG A 56 4.06 -3.68 -5.14
C ARG A 56 4.61 -5.10 -5.07
N LYS A 57 5.83 -5.26 -4.57
CA LYS A 57 6.39 -6.59 -4.40
C LYS A 57 5.50 -7.46 -3.53
N ASN A 58 4.97 -6.89 -2.44
CA ASN A 58 4.01 -7.62 -1.62
C ASN A 58 2.78 -8.00 -2.43
N ILE A 59 2.28 -7.08 -3.27
CA ILE A 59 1.09 -7.34 -4.07
C ILE A 59 1.36 -8.48 -5.05
N SER A 60 2.53 -8.48 -5.68
CA SER A 60 2.84 -9.52 -6.65
C SER A 60 2.92 -10.89 -6.00
N LYS A 61 3.29 -10.95 -4.73
CA LYS A 61 3.28 -12.19 -3.96
C LYS A 61 1.94 -12.44 -3.27
N HIS A 62 0.94 -11.57 -3.53
CA HIS A 62 -0.42 -11.74 -3.01
C HIS A 62 -0.44 -11.73 -1.48
N LYS A 63 0.33 -10.81 -0.89
CA LYS A 63 0.33 -10.68 0.57
C LYS A 63 -1.03 -10.23 1.09
N TYR A 64 -1.71 -9.36 0.34
CA TYR A 64 -2.91 -8.67 0.80
C TYR A 64 -4.16 -9.41 0.32
N GLN A 65 -4.90 -10.01 1.25
CA GLN A 65 -6.19 -10.62 0.96
C GLN A 65 -7.35 -9.66 1.12
N SER A 66 -7.12 -8.51 1.74
CA SER A 66 -8.15 -7.49 1.94
C SER A 66 -7.45 -6.15 1.95
N ARG A 67 -8.24 -5.09 1.83
CA ARG A 67 -7.64 -3.76 1.80
C ARG A 67 -7.06 -3.38 3.16
N GLU A 68 -7.48 -4.05 4.23
CA GLU A 68 -7.08 -3.63 5.58
C GLU A 68 -5.58 -3.83 5.81
N SER A 69 -5.04 -4.99 5.43
CA SER A 69 -3.60 -5.19 5.58
C SER A 69 -2.82 -4.39 4.55
N PHE A 70 -3.44 -4.10 3.40
CA PHE A 70 -2.83 -3.20 2.43
C PHE A 70 -2.72 -1.80 3.00
N LEU A 71 -3.78 -1.33 3.67
CA LEU A 71 -3.75 0.00 4.28
C LEU A 71 -2.76 0.09 5.43
N ASP A 72 -2.53 -1.03 6.13
CA ASP A 72 -1.53 -1.03 7.20
C ASP A 72 -0.17 -0.61 6.65
N ASP A 73 0.24 -1.18 5.52
CA ASP A 73 1.53 -0.81 4.95
C ASP A 73 1.51 0.58 4.35
N VAL A 74 0.39 0.99 3.75
CA VAL A 74 0.29 2.34 3.20
C VAL A 74 0.38 3.38 4.31
N ASN A 75 -0.42 3.20 5.37
CA ASN A 75 -0.39 4.13 6.48
C ASN A 75 0.96 4.13 7.18
N LEU A 76 1.70 3.03 7.07
CA LEU A 76 3.04 2.95 7.66
C LEU A 76 4.00 3.91 6.96
N ILE A 77 3.79 4.15 5.66
CA ILE A 77 4.63 5.11 4.94
C ILE A 77 4.46 6.50 5.54
N LEU A 78 3.21 6.89 5.84
CA LEU A 78 2.97 8.21 6.40
C LEU A 78 3.53 8.32 7.81
N ALA A 79 3.28 7.31 8.66
CA ALA A 79 3.77 7.39 10.04
C ALA A 79 5.28 7.43 10.11
N ASN A 80 5.97 6.74 9.20
CA ASN A 80 7.42 6.79 9.17
C ASN A 80 7.91 8.21 8.87
N SER A 81 7.29 8.86 7.86
CA SER A 81 7.71 10.20 7.51
C SER A 81 7.38 11.19 8.62
N VAL A 82 6.25 10.98 9.32
CA VAL A 82 5.95 11.79 10.49
C VAL A 82 7.05 11.64 11.53
N LYS A 83 7.47 10.40 11.80
CA LYS A 83 8.51 10.20 12.80
C LYS A 83 9.84 10.78 12.35
N TYR A 84 10.22 10.58 11.08
CA TYR A 84 11.56 11.00 10.66
C TYR A 84 11.61 12.48 10.32
N ASN A 85 10.59 13.01 9.65
CA ASN A 85 10.63 14.39 9.16
C ASN A 85 9.86 15.37 10.02
N GLY A 86 8.86 14.90 10.77
CA GLY A 86 8.03 15.79 11.54
C GLY A 86 6.68 15.98 10.87
N PRO A 87 5.69 16.43 11.63
CA PRO A 87 4.32 16.46 11.12
C PRO A 87 4.08 17.49 10.02
N GLU A 88 4.84 18.59 10.00
CA GLU A 88 4.62 19.67 9.04
C GLU A 88 5.69 19.72 7.96
N SER A 89 6.56 18.71 7.88
CA SER A 89 7.54 18.65 6.80
C SER A 89 6.84 18.40 5.46
N GLN A 90 7.47 18.89 4.39
CA GLN A 90 6.90 18.71 3.06
C GLN A 90 6.86 17.24 2.66
N TYR A 91 7.85 16.46 3.09
CA TYR A 91 7.80 15.01 2.89
C TYR A 91 6.53 14.42 3.48
N THR A 92 6.21 14.82 4.72
CA THR A 92 5.03 14.29 5.40
C THR A 92 3.75 14.68 4.69
N LYS A 93 3.67 15.93 4.22
CA LYS A 93 2.47 16.37 3.52
C LYS A 93 2.31 15.68 2.17
N THR A 94 3.43 15.33 1.52
CA THR A 94 3.34 14.52 0.31
C THR A 94 2.84 13.12 0.65
N ALA A 95 3.44 12.48 1.67
CA ALA A 95 3.00 11.15 2.08
C ALA A 95 1.54 11.17 2.50
N GLN A 96 1.10 12.26 3.14
CA GLN A 96 -0.30 12.36 3.53
C GLN A 96 -1.22 12.40 2.33
N GLU A 97 -0.77 13.03 1.23
CA GLU A 97 -1.59 13.02 0.02
C GLU A 97 -1.55 11.66 -0.67
N ILE A 98 -0.43 10.94 -0.57
CA ILE A 98 -0.39 9.56 -1.06
C ILE A 98 -1.43 8.72 -0.34
N VAL A 99 -1.53 8.88 0.99
CA VAL A 99 -2.51 8.13 1.76
C VAL A 99 -3.92 8.56 1.39
N ASN A 100 -4.14 9.87 1.24
CA ASN A 100 -5.47 10.37 0.88
C ASN A 100 -5.93 9.78 -0.45
N VAL A 101 -5.06 9.79 -1.46
CA VAL A 101 -5.43 9.29 -2.78
C VAL A 101 -5.77 7.81 -2.70
N CYS A 102 -5.02 7.06 -1.90
CA CYS A 102 -5.29 5.65 -1.68
C CYS A 102 -6.71 5.43 -1.17
N TYR A 103 -7.07 6.11 -0.07
CA TYR A 103 -8.40 5.98 0.51
C TYR A 103 -9.48 6.42 -0.47
N GLN A 104 -9.25 7.54 -1.17
CA GLN A 104 -10.25 8.02 -2.13
C GLN A 104 -10.53 6.96 -3.19
N THR A 105 -9.48 6.27 -3.66
CA THR A 105 -9.67 5.29 -4.73
C THR A 105 -10.36 4.03 -4.19
N LEU A 106 -9.93 3.55 -3.03
CA LEU A 106 -10.60 2.41 -2.40
C LEU A 106 -12.08 2.68 -2.20
N THR A 107 -12.42 3.92 -1.81
CA THR A 107 -13.82 4.29 -1.64
C THR A 107 -14.55 4.28 -2.98
N GLU A 108 -13.87 4.70 -4.06
CA GLU A 108 -14.48 4.66 -5.38
C GLU A 108 -14.85 3.23 -5.77
N TYR A 109 -14.01 2.27 -5.39
CA TYR A 109 -14.19 0.87 -5.76
C TYR A 109 -14.76 0.03 -4.63
N ASP A 110 -15.39 0.66 -3.63
CA ASP A 110 -15.73 -0.04 -2.39
C ASP A 110 -16.57 -1.28 -2.64
N GLU A 111 -17.73 -1.12 -3.28
CA GLU A 111 -18.62 -2.25 -3.51
C GLU A 111 -17.92 -3.36 -4.29
N HIS A 112 -17.08 -2.98 -5.25
CA HIS A 112 -16.39 -3.97 -6.08
C HIS A 112 -15.34 -4.73 -5.27
N LEU A 113 -14.55 -4.02 -4.46
CA LEU A 113 -13.52 -4.68 -3.67
C LEU A 113 -14.10 -5.55 -2.56
N THR A 114 -15.22 -5.12 -1.96
CA THR A 114 -15.89 -5.96 -0.98
C THR A 114 -16.26 -7.32 -1.58
N GLN A 115 -16.74 -7.32 -2.83
CA GLN A 115 -17.09 -8.59 -3.48
C GLN A 115 -15.87 -9.49 -3.63
N LEU A 116 -14.74 -8.92 -4.05
CA LEU A 116 -13.52 -9.71 -4.17
C LEU A 116 -13.04 -10.18 -2.79
N GLU A 117 -13.14 -9.31 -1.79
CA GLU A 117 -12.69 -9.68 -0.45
C GLU A 117 -13.51 -10.83 0.12
N LYS A 118 -14.83 -10.79 -0.07
CA LYS A 118 -15.67 -11.90 0.40
C LYS A 118 -15.26 -13.21 -0.27
N ASP A 119 -15.16 -13.20 -1.59
CA ASP A 119 -14.83 -14.43 -2.32
C ASP A 119 -13.44 -14.94 -1.98
N ILE A 120 -12.50 -14.06 -1.69
CA ILE A 120 -11.15 -14.50 -1.36
C ILE A 120 -11.14 -15.21 -0.02
N CYS A 121 -11.80 -14.60 0.98
CA CYS A 121 -11.83 -15.18 2.32
C CYS A 121 -12.60 -16.50 2.35
N THR A 122 -13.76 -16.57 1.66
CA THR A 122 -14.52 -17.81 1.67
C THR A 122 -13.78 -18.93 0.96
N ALA A 123 -13.03 -18.62 -0.10
CA ALA A 123 -12.25 -19.64 -0.78
C ALA A 123 -11.12 -20.15 0.10
N LYS A 124 -10.41 -19.25 0.78
CA LYS A 124 -9.32 -19.66 1.66
C LYS A 124 -9.83 -20.54 2.78
N GLU A 125 -11.00 -20.23 3.34
CA GLU A 125 -11.57 -21.06 4.38
C GLU A 125 -11.99 -22.42 3.84
N ALA A 126 -12.55 -22.46 2.63
CA ALA A 126 -12.98 -23.73 2.06
C ALA A 126 -11.80 -24.58 1.60
N ALA A 127 -10.71 -23.94 1.16
CA ALA A 127 -9.55 -24.69 0.72
C ALA A 127 -8.78 -25.28 1.89
N LEU A 128 -8.76 -24.60 3.03
CA LEU A 128 -8.10 -25.15 4.22
C LEU A 128 -8.90 -26.26 4.88
N GLU A 129 -10.16 -26.46 4.47
CA GLU A 129 -10.91 -27.58 5.01
C GLU A 129 -10.30 -28.92 4.59
N GLU A 130 -9.62 -28.94 3.44
CA GLU A 130 -9.14 -30.19 2.86
C GLU A 130 -7.76 -30.57 3.39
#